data_2Y6G
#
_entry.id   2Y6G
#
_cell.length_a   48.560
_cell.length_b   49.720
_cell.length_c   62.520
_cell.angle_alpha   90.00
_cell.angle_beta   90.00
_cell.angle_gamma   90.00
#
_symmetry.space_group_name_H-M   'P 21 21 21'
#
loop_
_entity.id
_entity.type
_entity.pdbx_description
1 polymer XYLANASE
2 branched beta-D-glucopyranose-(1-4)-beta-D-glucopyranose-(1-4)-beta-D-glucopyranose
3 non-polymer 'CALCIUM ION'
4 water water
#
_entity_poly.entity_id   1
_entity_poly.type   'polypeptide(L)'
_entity_poly.pdbx_seq_one_letter_code
;MLVANINGGFESTPAGVVTDLAEGVEGWDLNVGSSVTNPPVFEVLETSDAPEGNKVLAVTVNGVGNNPFNIQATALPVNV
RPGVTYTYTIRARAEQDGAVVSFTVGNQSFDEYGRLHHQQITTEWQPFTFEFTVSDQETVIRAPIHFGYAANVGNTIYID
GLAIVDL
;
_entity_poly.pdbx_strand_id   A
#
loop_
_chem_comp.id
_chem_comp.type
_chem_comp.name
_chem_comp.formula
BGC D-saccharide, beta linking beta-D-glucopyranose 'C6 H12 O6'
CA non-polymer 'CALCIUM ION' 'Ca 2'
#
# COMPACT_ATOMS: atom_id res chain seq x y z
N MET A 1 -20.01 -3.10 -1.72
CA MET A 1 -19.23 -1.92 -2.01
C MET A 1 -18.68 -2.09 -3.43
N LEU A 2 -18.45 -0.92 -3.97
CA LEU A 2 -17.82 -0.82 -5.26
C LEU A 2 -16.48 -0.11 -5.04
N VAL A 3 -15.43 -0.82 -5.35
CA VAL A 3 -14.09 -0.29 -5.25
C VAL A 3 -13.36 -0.53 -6.56
N ALA A 4 -12.43 0.38 -6.82
CA ALA A 4 -11.65 0.35 -8.04
C ALA A 4 -10.53 -0.64 -8.01
N ASN A 5 -10.00 -0.92 -6.84
CA ASN A 5 -8.87 -1.79 -6.63
C ASN A 5 -9.32 -3.21 -6.28
N ILE A 6 -8.42 -4.16 -6.34
CA ILE A 6 -8.69 -5.60 -6.16
C ILE A 6 -8.00 -6.10 -4.91
N ASN A 7 -8.68 -6.94 -4.15
CA ASN A 7 -8.10 -7.54 -2.95
C ASN A 7 -7.45 -6.51 -2.03
N GLY A 8 -8.16 -5.42 -1.82
CA GLY A 8 -7.68 -4.28 -1.08
C GLY A 8 -7.41 -4.57 0.39
N GLY A 9 -7.96 -5.70 0.88
CA GLY A 9 -7.72 -6.10 2.25
C GLY A 9 -7.03 -7.41 2.44
N PHE A 10 -6.41 -7.88 1.36
CA PHE A 10 -5.58 -9.07 1.33
C PHE A 10 -6.30 -10.38 1.62
N GLU A 11 -7.64 -10.37 1.58
CA GLU A 11 -8.41 -11.53 2.04
C GLU A 11 -8.28 -12.70 1.08
N SER A 12 -7.97 -12.46 -0.19
CA SER A 12 -7.79 -13.56 -1.15
CA SER A 12 -7.84 -13.64 -1.06
C SER A 12 -6.45 -14.28 -1.06
N THR A 13 -5.51 -13.72 -0.32
CA THR A 13 -4.17 -14.26 -0.31
C THR A 13 -3.93 -15.17 0.87
N PRO A 14 -3.32 -16.31 0.60
CA PRO A 14 -3.00 -17.19 1.75
C PRO A 14 -2.06 -16.50 2.72
N ALA A 15 -2.28 -16.77 4.01
CA ALA A 15 -1.36 -16.22 4.99
C ALA A 15 0.02 -16.81 4.76
N GLY A 16 0.99 -15.95 5.02
CA GLY A 16 2.37 -16.33 4.90
C GLY A 16 3.26 -15.25 4.32
N VAL A 17 4.57 -15.49 4.39
CA VAL A 17 5.52 -14.55 3.79
C VAL A 17 5.43 -14.63 2.28
N VAL A 18 5.44 -13.48 1.67
CA VAL A 18 5.30 -13.32 0.24
C VAL A 18 6.72 -13.27 -0.35
N THR A 19 7.04 -14.24 -1.20
CA THR A 19 8.34 -14.03 -1.89
CA THR A 19 8.30 -14.30 -1.95
C THR A 19 8.14 -13.85 -3.39
N ASP A 20 6.97 -14.14 -3.95
CA ASP A 20 6.69 -13.73 -5.34
C ASP A 20 6.09 -12.33 -5.25
N LEU A 21 6.99 -11.37 -5.33
CA LEU A 21 6.57 -10.00 -5.11
C LEU A 21 5.65 -9.46 -6.19
N ALA A 22 5.87 -9.80 -7.46
CA ALA A 22 5.04 -9.23 -8.51
C ALA A 22 3.66 -9.86 -8.59
N GLU A 23 3.59 -11.14 -8.27
CA GLU A 23 2.31 -11.82 -8.53
C GLU A 23 1.84 -12.63 -7.33
N GLY A 24 2.48 -12.63 -6.19
CA GLY A 24 2.09 -13.44 -5.05
C GLY A 24 0.84 -12.95 -4.37
N VAL A 25 0.47 -11.69 -4.61
CA VAL A 25 -0.68 -11.09 -3.92
C VAL A 25 -1.59 -10.54 -5.01
N GLU A 26 -2.74 -11.15 -5.19
CA GLU A 26 -3.71 -10.67 -6.16
C GLU A 26 -4.00 -9.19 -5.95
N GLY A 27 -4.02 -8.40 -7.02
CA GLY A 27 -4.34 -7.00 -6.90
C GLY A 27 -3.23 -6.07 -6.50
N TRP A 28 -2.06 -6.59 -6.24
CA TRP A 28 -0.90 -5.84 -5.76
C TRP A 28 0.37 -6.27 -6.49
N ASP A 29 1.28 -5.32 -6.55
CA ASP A 29 2.63 -5.50 -7.00
CA ASP A 29 2.64 -5.47 -7.02
C ASP A 29 3.56 -5.01 -5.89
N LEU A 30 4.40 -5.85 -5.37
CA LEU A 30 5.37 -5.47 -4.35
CA LEU A 30 5.36 -5.51 -4.35
C LEU A 30 6.72 -5.34 -5.02
N ASN A 31 7.50 -4.38 -4.52
CA ASN A 31 8.80 -4.08 -5.06
CA ASN A 31 8.85 -4.29 -5.05
C ASN A 31 9.85 -3.78 -4.00
N VAL A 32 11.05 -4.31 -4.21
CA VAL A 32 12.21 -4.01 -3.39
C VAL A 32 13.37 -3.73 -4.32
N GLY A 33 13.88 -2.52 -4.28
CA GLY A 33 15.04 -2.20 -5.11
C GLY A 33 16.31 -2.85 -4.61
N SER A 34 17.27 -2.98 -5.54
CA SER A 34 18.49 -3.68 -5.15
C SER A 34 19.37 -2.85 -4.23
N SER A 35 19.10 -1.56 -4.03
CA SER A 35 19.89 -0.80 -3.07
CA SER A 35 19.86 -0.77 -3.07
C SER A 35 19.52 -1.14 -1.64
N VAL A 36 18.43 -1.87 -1.45
CA VAL A 36 18.04 -2.35 -0.13
C VAL A 36 18.80 -3.64 0.13
N THR A 37 19.81 -3.53 0.98
CA THR A 37 20.66 -4.67 1.24
C THR A 37 20.22 -5.55 2.40
N ASN A 38 19.40 -5.06 3.30
CA ASN A 38 18.81 -5.95 4.32
C ASN A 38 17.33 -5.95 3.91
N PRO A 39 16.90 -6.90 3.11
CA PRO A 39 15.56 -6.80 2.52
CA PRO A 39 15.55 -6.81 2.52
C PRO A 39 14.42 -6.91 3.54
N PRO A 40 13.30 -6.30 3.16
CA PRO A 40 12.14 -6.32 4.04
C PRO A 40 11.45 -7.67 3.94
N VAL A 41 10.51 -7.89 4.84
CA VAL A 41 9.65 -9.07 4.78
C VAL A 41 8.23 -8.56 4.59
N PHE A 42 7.57 -9.00 3.56
CA PHE A 42 6.17 -8.81 3.28
C PHE A 42 5.44 -10.09 3.68
N GLU A 43 4.46 -9.97 4.55
CA GLU A 43 3.75 -11.13 5.08
CA GLU A 43 3.74 -11.14 5.03
C GLU A 43 2.27 -10.80 5.12
N VAL A 44 1.44 -11.71 4.64
CA VAL A 44 0.00 -11.67 4.87
C VAL A 44 -0.24 -12.46 6.16
N LEU A 45 -0.82 -11.76 7.12
CA LEU A 45 -1.04 -12.26 8.46
C LEU A 45 -2.54 -12.40 8.75
N GLU A 46 -2.89 -13.54 9.31
CA GLU A 46 -4.23 -13.74 9.81
CA GLU A 46 -4.25 -13.65 9.80
C GLU A 46 -4.24 -13.25 11.26
N THR A 47 -5.01 -12.25 11.61
CA THR A 47 -5.05 -11.76 12.98
C THR A 47 -6.41 -11.29 13.39
N SER A 48 -6.75 -11.49 14.66
N SER A 48 -6.74 -11.39 14.66
CA SER A 48 -8.10 -11.12 15.05
CA SER A 48 -7.93 -10.86 15.31
C SER A 48 -8.27 -9.62 15.02
C SER A 48 -8.02 -9.34 15.26
N ASP A 49 -7.22 -8.80 15.05
N ASP A 49 -6.91 -8.71 14.99
CA ASP A 49 -7.48 -7.35 15.05
CA ASP A 49 -6.59 -7.31 14.93
C ASP A 49 -7.34 -6.71 13.67
C ASP A 49 -6.83 -6.69 13.56
N ALA A 50 -7.31 -7.52 12.63
CA ALA A 50 -7.47 -7.01 11.25
C ALA A 50 -8.66 -6.07 11.22
N PRO A 51 -8.47 -4.85 10.73
CA PRO A 51 -9.60 -3.96 10.54
C PRO A 51 -10.64 -4.42 9.54
N GLU A 52 -10.25 -5.20 8.56
CA GLU A 52 -11.13 -5.72 7.52
C GLU A 52 -10.81 -7.20 7.37
N GLY A 53 -11.92 -7.97 7.33
CA GLY A 53 -11.67 -9.38 7.14
C GLY A 53 -10.83 -9.96 8.26
N ASN A 54 -9.99 -10.94 7.90
CA ASN A 54 -9.20 -11.65 8.87
C ASN A 54 -7.70 -11.46 8.64
N LYS A 55 -7.34 -10.73 7.59
CA LYS A 55 -5.94 -10.63 7.21
C LYS A 55 -5.53 -9.18 7.00
N VAL A 56 -4.22 -8.97 7.23
CA VAL A 56 -3.53 -7.73 6.94
C VAL A 56 -2.24 -8.02 6.19
N LEU A 57 -1.66 -6.96 5.61
CA LEU A 57 -0.30 -7.06 5.05
C LEU A 57 0.64 -6.36 6.03
N ALA A 58 1.67 -7.06 6.46
CA ALA A 58 2.75 -6.60 7.30
C ALA A 58 4.01 -6.41 6.47
N VAL A 59 4.66 -5.28 6.63
CA VAL A 59 5.88 -4.93 5.94
C VAL A 59 6.95 -4.67 7.00
N THR A 60 7.84 -5.63 7.19
CA THR A 60 8.92 -5.41 8.14
C THR A 60 10.11 -4.82 7.40
N VAL A 61 10.52 -3.63 7.81
CA VAL A 61 11.61 -2.90 7.19
C VAL A 61 12.87 -3.12 8.01
N ASN A 62 13.81 -3.85 7.39
CA ASN A 62 15.06 -4.16 8.07
C ASN A 62 16.17 -3.23 7.61
N GLY A 63 15.88 -2.35 6.68
N GLY A 63 15.91 -2.38 6.63
CA GLY A 63 16.89 -1.53 6.02
CA GLY A 63 16.94 -1.61 5.94
C GLY A 63 16.19 -0.80 4.88
C GLY A 63 16.29 -0.91 4.77
N VAL A 64 16.90 0.18 4.33
CA VAL A 64 16.34 1.01 3.26
C VAL A 64 17.40 1.13 2.16
N GLY A 65 17.01 1.83 1.10
CA GLY A 65 17.84 1.98 -0.09
C GLY A 65 18.20 3.46 -0.25
N ASN A 66 17.85 4.03 -1.41
CA ASN A 66 18.21 5.40 -1.70
C ASN A 66 17.00 6.31 -1.81
N ASN A 67 15.80 5.75 -2.01
CA ASN A 67 14.60 6.52 -2.21
C ASN A 67 13.43 5.81 -1.58
N PRO A 68 12.43 6.51 -1.10
CA PRO A 68 11.36 5.78 -0.39
C PRO A 68 10.65 4.75 -1.24
N PHE A 69 10.59 4.93 -2.55
CA PHE A 69 9.87 4.00 -3.44
C PHE A 69 10.68 2.74 -3.65
N ASN A 70 11.87 2.65 -3.06
CA ASN A 70 12.60 1.38 -3.16
C ASN A 70 12.04 0.23 -2.35
N ILE A 71 11.07 0.52 -1.47
CA ILE A 71 10.22 -0.51 -0.86
C ILE A 71 8.78 -0.05 -1.05
N GLN A 72 8.01 -0.76 -1.86
CA GLN A 72 6.67 -0.35 -2.19
C GLN A 72 5.70 -1.51 -2.24
N ALA A 73 4.45 -1.20 -1.87
CA ALA A 73 3.34 -2.08 -2.19
C ALA A 73 2.39 -1.23 -3.06
N THR A 74 2.11 -1.66 -4.28
CA THR A 74 1.32 -0.90 -5.23
C THR A 74 0.07 -1.68 -5.61
N ALA A 75 -1.10 -1.07 -5.36
CA ALA A 75 -2.32 -1.71 -5.86
C ALA A 75 -2.38 -1.59 -7.38
N LEU A 76 -2.62 -2.71 -8.05
CA LEU A 76 -2.77 -2.68 -9.50
C LEU A 76 -3.36 -4.03 -9.94
N PRO A 77 -4.22 -3.97 -10.95
CA PRO A 77 -4.76 -2.78 -11.57
C PRO A 77 -5.78 -2.06 -10.67
N VAL A 78 -5.97 -0.77 -10.92
CA VAL A 78 -6.98 0.05 -10.28
C VAL A 78 -7.82 0.60 -11.44
N ASN A 79 -9.09 0.17 -11.50
CA ASN A 79 -9.97 0.49 -12.62
C ASN A 79 -10.77 1.74 -12.36
N VAL A 80 -10.60 2.74 -13.21
CA VAL A 80 -11.15 4.09 -13.02
C VAL A 80 -11.69 4.62 -14.34
N ARG A 81 -12.27 5.79 -14.29
CA ARG A 81 -12.83 6.47 -15.45
CA ARG A 81 -12.88 6.51 -15.41
C ARG A 81 -12.22 7.88 -15.56
N PRO A 82 -11.84 8.28 -16.76
CA PRO A 82 -11.30 9.64 -16.94
C PRO A 82 -12.21 10.72 -16.38
N GLY A 83 -11.59 11.66 -15.70
CA GLY A 83 -12.28 12.81 -15.18
C GLY A 83 -13.05 12.62 -13.88
N VAL A 84 -13.08 11.40 -13.37
CA VAL A 84 -13.82 11.08 -12.14
C VAL A 84 -12.88 11.33 -10.96
N THR A 85 -13.50 11.82 -9.89
CA THR A 85 -12.92 12.02 -8.60
C THR A 85 -13.25 10.84 -7.67
N TYR A 86 -12.23 10.37 -7.00
CA TYR A 86 -12.22 9.22 -6.12
C TYR A 86 -11.79 9.59 -4.71
N THR A 87 -12.32 8.85 -3.76
CA THR A 87 -11.82 8.84 -2.40
CA THR A 87 -11.78 8.86 -2.41
C THR A 87 -10.95 7.62 -2.21
N TYR A 88 -9.76 7.81 -1.70
CA TYR A 88 -8.84 6.77 -1.27
C TYR A 88 -8.95 6.67 0.26
N THR A 89 -9.14 5.46 0.76
CA THR A 89 -9.03 5.23 2.21
C THR A 89 -8.22 3.98 2.47
N ILE A 90 -7.39 3.99 3.47
CA ILE A 90 -6.66 2.80 3.91
C ILE A 90 -6.48 2.89 5.41
N ARG A 91 -6.23 1.73 6.03
CA ARG A 91 -5.94 1.65 7.42
C ARG A 91 -4.46 1.28 7.62
N ALA A 92 -3.81 1.87 8.61
CA ALA A 92 -2.41 1.55 8.84
C ALA A 92 -2.04 1.72 10.32
N ARG A 93 -1.07 0.93 10.74
CA ARG A 93 -0.51 1.06 12.09
CA ARG A 93 -0.51 1.06 12.09
C ARG A 93 0.89 0.47 12.02
N ALA A 94 1.64 0.60 13.09
CA ALA A 94 3.01 0.13 13.14
C ALA A 94 3.32 -0.60 14.45
N GLU A 95 4.35 -1.45 14.40
CA GLU A 95 4.73 -2.22 15.59
C GLU A 95 5.29 -1.32 16.69
N GLN A 96 6.01 -0.30 16.30
CA GLN A 96 6.65 0.63 17.19
C GLN A 96 6.36 2.05 16.73
N ASP A 97 6.58 2.98 17.65
CA ASP A 97 6.50 4.40 17.34
C ASP A 97 7.48 4.81 16.26
N GLY A 98 7.13 5.88 15.56
N GLY A 98 7.14 5.83 15.49
CA GLY A 98 8.08 6.35 14.56
CA GLY A 98 7.91 6.62 14.57
C GLY A 98 8.00 5.40 13.37
C GLY A 98 7.90 6.27 13.11
N ALA A 99 6.94 5.54 12.61
CA ALA A 99 6.86 5.10 11.24
C ALA A 99 6.27 6.22 10.33
N VAL A 100 6.72 6.21 9.10
CA VAL A 100 6.36 7.15 8.06
C VAL A 100 6.00 6.43 6.77
N VAL A 101 4.88 6.77 6.15
CA VAL A 101 4.48 6.16 4.90
C VAL A 101 3.86 7.22 4.00
N SER A 102 4.12 7.09 2.70
CA SER A 102 3.36 7.93 1.76
C SER A 102 2.41 7.05 0.92
N PHE A 103 1.18 7.49 0.82
CA PHE A 103 0.13 6.80 0.09
C PHE A 103 -0.15 7.55 -1.19
N THR A 104 0.10 6.91 -2.35
CA THR A 104 0.03 7.67 -3.58
C THR A 104 -0.82 6.97 -4.63
N VAL A 105 -1.22 7.74 -5.64
CA VAL A 105 -1.92 7.13 -6.77
CA VAL A 105 -1.98 7.19 -6.76
C VAL A 105 -1.42 7.79 -8.04
N GLY A 106 -1.24 7.00 -9.08
CA GLY A 106 -0.66 7.50 -10.32
C GLY A 106 -1.00 6.57 -11.47
N ASN A 107 -0.58 6.94 -12.67
CA ASN A 107 -0.93 6.16 -13.81
C ASN A 107 0.22 5.24 -14.22
N GLN A 108 0.05 4.49 -15.31
CA GLN A 108 1.02 3.53 -15.82
CA GLN A 108 1.12 3.53 -15.64
C GLN A 108 2.32 4.17 -16.33
N SER A 109 2.19 5.47 -16.63
CA SER A 109 3.31 6.30 -17.04
CA SER A 109 3.31 6.28 -17.03
C SER A 109 3.96 6.91 -15.81
N PHE A 110 3.53 6.51 -14.63
CA PHE A 110 4.06 6.96 -13.34
C PHE A 110 3.77 8.41 -13.07
N ASP A 111 2.86 9.03 -13.84
CA ASP A 111 2.44 10.37 -13.44
C ASP A 111 1.53 10.26 -12.22
N GLU A 112 1.83 11.08 -11.23
CA GLU A 112 1.09 11.00 -9.94
C GLU A 112 -0.11 11.92 -9.93
N TYR A 113 -1.31 11.39 -9.60
CA TYR A 113 -2.52 12.18 -9.50
C TYR A 113 -2.64 12.85 -8.13
N GLY A 114 -2.13 12.20 -7.09
CA GLY A 114 -2.24 12.72 -5.74
C GLY A 114 -1.55 11.82 -4.74
N ARG A 115 -1.38 12.35 -3.52
CA ARG A 115 -0.81 11.56 -2.44
C ARG A 115 -1.17 12.17 -1.07
N LEU A 116 -0.99 11.35 -0.06
CA LEU A 116 -0.75 11.72 1.31
C LEU A 116 0.72 11.46 1.62
N HIS A 117 1.43 12.56 1.88
CA HIS A 117 2.86 12.60 2.02
C HIS A 117 3.30 12.56 3.46
N HIS A 118 4.32 11.80 3.76
N HIS A 118 4.07 11.58 3.89
CA HIS A 118 5.03 11.40 4.94
CA HIS A 118 4.89 11.58 5.08
C HIS A 118 4.01 11.35 6.06
C HIS A 118 3.95 11.40 6.26
N GLN A 119 3.05 10.45 5.97
CA GLN A 119 2.08 10.22 7.03
C GLN A 119 2.76 9.56 8.22
N GLN A 120 2.33 10.08 9.39
CA GLN A 120 2.84 9.59 10.66
C GLN A 120 2.01 8.41 11.11
N ILE A 121 2.62 7.24 11.10
CA ILE A 121 1.91 6.03 11.46
C ILE A 121 2.19 5.70 12.91
N THR A 122 1.11 5.41 13.63
CA THR A 122 1.20 5.15 15.06
C THR A 122 1.02 3.67 15.36
N THR A 123 1.07 3.32 16.63
CA THR A 123 0.89 1.92 16.98
C THR A 123 -0.58 1.52 17.00
N GLU A 124 -1.48 2.48 16.77
CA GLU A 124 -2.90 2.16 16.73
CA GLU A 124 -2.90 2.14 16.73
C GLU A 124 -3.43 2.27 15.32
N TRP A 125 -4.38 1.40 14.94
CA TRP A 125 -4.98 1.53 13.61
C TRP A 125 -5.59 2.90 13.43
N GLN A 126 -5.33 3.58 12.32
CA GLN A 126 -5.94 4.84 11.94
C GLN A 126 -6.30 4.77 10.46
N PRO A 127 -7.35 5.47 10.05
CA PRO A 127 -7.65 5.60 8.62
C PRO A 127 -6.88 6.80 8.07
N PHE A 128 -6.47 6.63 6.82
CA PHE A 128 -5.74 7.65 6.07
C PHE A 128 -6.53 7.83 4.77
N THR A 129 -6.94 9.06 4.48
CA THR A 129 -7.80 9.27 3.32
C THR A 129 -7.47 10.55 2.61
N PHE A 130 -7.67 10.53 1.30
CA PHE A 130 -7.55 11.72 0.45
C PHE A 130 -8.38 11.51 -0.82
N GLU A 131 -8.63 12.59 -1.53
CA GLU A 131 -9.33 12.59 -2.79
C GLU A 131 -8.37 12.86 -3.94
N PHE A 132 -8.65 12.29 -5.09
CA PHE A 132 -7.86 12.57 -6.29
C PHE A 132 -8.81 12.50 -7.49
N THR A 133 -8.40 13.14 -8.56
CA THR A 133 -9.14 13.11 -9.80
C THR A 133 -8.29 12.53 -10.90
N VAL A 134 -8.91 11.70 -11.71
CA VAL A 134 -8.22 11.19 -12.90
C VAL A 134 -8.28 12.28 -13.97
N SER A 135 -7.19 13.05 -14.04
CA SER A 135 -7.19 14.30 -14.81
C SER A 135 -6.73 14.07 -16.25
N ASP A 136 -6.49 12.83 -16.66
CA ASP A 136 -6.12 12.46 -18.03
C ASP A 136 -7.08 11.39 -18.57
N GLN A 137 -6.72 10.60 -19.56
CA GLN A 137 -7.66 9.72 -20.22
C GLN A 137 -7.39 8.27 -19.83
N GLU A 138 -6.76 8.03 -18.68
CA GLU A 138 -6.45 6.68 -18.26
C GLU A 138 -7.64 5.98 -17.62
N THR A 139 -7.68 4.66 -17.80
CA THR A 139 -8.70 3.79 -17.23
C THR A 139 -8.11 2.75 -16.29
N VAL A 140 -6.82 2.48 -16.35
CA VAL A 140 -6.23 1.47 -15.47
C VAL A 140 -5.00 2.13 -14.86
N ILE A 141 -5.12 2.41 -13.59
CA ILE A 141 -4.05 3.12 -12.88
C ILE A 141 -3.47 2.27 -11.76
N ARG A 142 -2.72 2.87 -10.85
CA ARG A 142 -2.07 2.14 -9.77
CA ARG A 142 -1.81 2.33 -9.88
C ARG A 142 -1.95 3.02 -8.53
N ALA A 143 -1.71 2.34 -7.41
CA ALA A 143 -1.70 3.05 -6.13
C ALA A 143 -0.49 2.66 -5.29
N PRO A 144 0.67 3.28 -5.61
CA PRO A 144 1.91 2.95 -4.88
C PRO A 144 1.97 3.51 -3.46
N ILE A 145 2.25 2.61 -2.52
CA ILE A 145 2.51 2.95 -1.12
C ILE A 145 4.01 2.84 -0.89
N HIS A 146 4.61 3.94 -0.44
CA HIS A 146 6.07 3.96 -0.24
C HIS A 146 6.43 3.72 1.23
N PHE A 147 7.23 2.70 1.50
CA PHE A 147 7.64 2.34 2.84
C PHE A 147 9.11 2.56 3.11
N GLY A 148 9.95 2.87 2.13
CA GLY A 148 11.39 2.86 2.31
C GLY A 148 12.00 4.09 2.97
N TYR A 149 11.36 4.64 3.99
CA TYR A 149 11.86 5.76 4.75
C TYR A 149 12.82 5.24 5.83
N ALA A 150 13.93 5.95 5.98
CA ALA A 150 14.94 5.55 6.96
C ALA A 150 14.37 5.41 8.36
N ALA A 151 13.38 6.22 8.72
CA ALA A 151 12.79 6.18 10.06
C ALA A 151 12.08 4.86 10.33
N ASN A 152 11.77 4.09 9.28
CA ASN A 152 11.06 2.82 9.44
C ASN A 152 11.97 1.64 9.73
N VAL A 153 13.28 1.84 9.64
CA VAL A 153 14.15 0.69 9.89
C VAL A 153 13.97 0.17 11.30
N GLY A 154 13.77 -1.15 11.41
CA GLY A 154 13.47 -1.82 12.63
C GLY A 154 12.02 -1.85 13.04
N ASN A 155 11.13 -1.42 12.16
CA ASN A 155 9.70 -1.41 12.41
C ASN A 155 8.97 -2.34 11.43
N THR A 156 7.76 -2.65 11.78
CA THR A 156 6.82 -3.33 10.90
C THR A 156 5.60 -2.43 10.74
N ILE A 157 5.24 -2.20 9.49
CA ILE A 157 4.06 -1.41 9.17
C ILE A 157 2.99 -2.35 8.63
N TYR A 158 1.80 -2.22 9.19
CA TYR A 158 0.65 -3.03 8.81
C TYR A 158 -0.36 -2.16 8.07
N ILE A 159 -0.84 -2.71 6.97
CA ILE A 159 -1.87 -2.00 6.18
C ILE A 159 -3.05 -2.94 5.92
N ASP A 160 -4.21 -2.34 5.78
CA ASP A 160 -5.40 -3.13 5.47
C ASP A 160 -6.47 -2.19 4.92
N GLY A 161 -7.44 -2.79 4.25
CA GLY A 161 -8.64 -2.06 3.90
C GLY A 161 -8.47 -0.95 2.91
N LEU A 162 -7.63 -1.13 1.90
CA LEU A 162 -7.59 -0.11 0.87
C LEU A 162 -8.88 -0.14 0.06
N ALA A 163 -9.52 1.01 -0.03
CA ALA A 163 -10.75 1.18 -0.81
C ALA A 163 -10.63 2.49 -1.58
N ILE A 164 -10.63 2.34 -2.91
CA ILE A 164 -10.68 3.51 -3.78
C ILE A 164 -12.08 3.54 -4.42
N VAL A 165 -12.85 4.56 -4.07
CA VAL A 165 -14.29 4.62 -4.29
CA VAL A 165 -14.24 4.52 -4.52
C VAL A 165 -14.64 5.85 -5.13
N ASP A 166 -15.53 5.63 -6.07
N ASP A 166 -15.65 5.84 -5.99
CA ASP A 166 -16.08 6.68 -6.92
CA ASP A 166 -16.07 7.11 -6.60
C ASP A 166 -16.85 7.67 -6.05
C ASP A 166 -16.50 8.11 -5.51
N LEU A 167 -16.27 8.85 -5.88
N LEU A 167 -16.14 9.38 -5.62
CA LEU A 167 -16.68 9.92 -4.98
CA LEU A 167 -16.43 10.35 -4.56
C LEU A 167 -18.15 10.26 -5.13
C LEU A 167 -17.94 10.45 -4.34
C2 BGC B . 7.58 11.35 -10.47
C3 BGC B . 6.85 10.02 -10.32
C4 BGC B . 7.34 9.12 -9.20
C5 BGC B . 7.27 9.97 -7.90
C6 BGC B . 7.84 9.16 -6.74
C1 BGC B . 7.53 12.03 -9.11
O1 BGC B . 8.26 13.27 -9.18
O2 BGC B . 6.93 12.16 -11.48
O3 BGC B . 7.06 9.35 -11.57
O4 BGC B . 6.47 8.01 -9.13
O5 BGC B . 8.11 11.10 -8.18
O6 BGC B . 8.21 9.91 -5.61
C2 BGC B . 5.99 5.89 -8.31
C3 BGC B . 6.57 4.48 -8.20
C4 BGC B . 7.25 4.03 -9.48
C5 BGC B . 8.23 5.11 -9.96
C6 BGC B . 8.79 4.77 -11.32
C1 BGC B . 7.09 6.79 -8.85
O2 BGC B . 5.61 6.31 -6.99
O3 BGC B . 5.55 3.58 -7.83
O4 BGC B . 8.01 2.84 -9.11
O5 BGC B . 7.51 6.35 -10.13
O6 BGC B . 9.84 5.67 -11.73
C2 BGC B . 8.81 0.69 -9.78
C3 BGC B . 8.39 -0.75 -10.10
C4 BGC B . 6.95 -1.18 -9.85
C5 BGC B . 6.02 -0.01 -10.23
C6 BGC B . 4.60 -0.36 -9.79
C1 BGC B . 7.68 1.69 -9.91
O2 BGC B . 10.02 1.31 -10.24
O3 BGC B . 9.31 -1.74 -9.64
O4 BGC B . 6.63 -2.32 -10.65
O5 BGC B . 6.43 1.16 -9.53
O6 BGC B . 3.62 0.40 -10.49
CA CA C . -8.13 -7.48 5.61
CA CA D . 0.54 -8.21 -9.48
#